data_8PVB
#
_entry.id   8PVB
#
_cell.length_a   1.00
_cell.length_b   1.00
_cell.length_c   1.00
_cell.angle_alpha   90.00
_cell.angle_beta   90.00
_cell.angle_gamma   90.00
#
_symmetry.space_group_name_H-M   'P 1'
#
loop_
_entity.id
_entity.type
_entity.pdbx_description
1 polymer 'Gamma-aminobutyric acid receptor subunit beta-3'
2 polymer 'Megabody Mb25'
3 branched 2-acetamido-2-deoxy-beta-D-glucopyranose-(1-4)-2-acetamido-2-deoxy-beta-D-glucopyranose
4 branched alpha-D-mannopyranose-(1-3)-[alpha-D-mannopyranose-(1-6)]beta-D-mannopyranose-(1-4)-2-acetamido-2-deoxy-beta-D-glucopyranose-(1-4)-2-acetamido-2-deoxy-beta-D-glucopyranose
5 non-polymer HEXADECANE
6 non-polymer DECANE
7 non-polymer HISTAMINE
8 non-polymer 'CHLORIDE ION'
9 non-polymer Etomidate
#
loop_
_entity_poly.entity_id
_entity_poly.type
_entity_poly.pdbx_seq_one_letter_code
_entity_poly.pdbx_strand_id
1 'polypeptide(L)'
;EMDEKTTGWRGGHVVEGLAGELEQLRARLEHHPQGQREPDYDIPTTENLYFQGTGQSVNDPGNMSFVKETVDKLLKGYDI
RLRPDFGGPPVCVGMNIDIASIDMVSEVNMDYTLTMYFQQYWRDKRLAYSGIPLNLTLDNRVADQLWVPDTYFLNDKKSF
VHGVTVKNRMIRLHPDGTVLYGLRITTTAACMMDLRRYPLDEQNCTLEIESYGYTTDDIEFYWRGGDKAVTGVERIELPQ
FSIVEHRLVSRNVVFATGAYPRLSLSFRLKRNIGYFILQTYMPSILITILSWVSFWINYDASAARVALGITTVLTMTTIN
THLRETLPKIPYVTAIDMYLMGCFVFVFLALLEYAFVNYIFFSQPARAAAIDRWSRIVFPFTFSLFNLVYWLYYVN
;
A
2 'polypeptide(L)'
;QVQLVESGGGLVQTKTTTSVIDTTNDAQNLLTQAQTIVNTLKDYCPILIAKSSSSNGGTNNANTPSWQTAGGGKNSCATF
GAEFSAASDMINNAQKIVQETQQLSANQPKNITQPHNLNLNSPSSLTALAQKMLKNAQSQAEILKLANQVESDFNKLSSG
HLKDYIGKCDASAISSANMTMQNQKNNWGNGCAGVEETQSLLKTSAADFNNQTPQINQAQNLANTLIQELGNNTYEQLSR
LLTNDNGTNSKTSAQAINQAVNNLNERAKTLAGGTTNSPAYQATLLALRSVLGLWNSMGYAVICGGYTKSPGENNQKDFH
YTDENGNGTTINCGGSTNSNGTHSYNGTNTLKADKNVSLSIEQYEKIHEAYQILSKALKQAGLAPLNSKGEKLEAHVTTS
KYGSLRLSCAASGHTFNYPIMGWFRQAPGKEREFVGAISWSGGSTSYADSVKDRFTISRDNAKNTVYLEMNNLKPEDTAV
YYCAAKGRYSGGLYYPTNYDYWGQGTQVTVSSHHHHHHEPEA
;
O
#
# COMPACT_ATOMS: atom_id res chain seq x y z
N GLY A 62 -35.35 25.68 -27.76
CA GLY A 62 -36.10 26.92 -27.50
C GLY A 62 -37.47 26.68 -26.85
N ASN A 63 -38.27 25.79 -27.47
CA ASN A 63 -39.60 25.43 -26.99
C ASN A 63 -39.42 24.43 -25.82
N MET A 64 -39.77 24.87 -24.60
CA MET A 64 -39.63 24.10 -23.37
C MET A 64 -40.61 22.93 -23.32
N SER A 65 -41.84 23.14 -23.84
CA SER A 65 -42.85 22.08 -23.97
C SER A 65 -42.38 20.98 -24.91
N PHE A 66 -41.69 21.35 -26.01
CA PHE A 66 -41.13 20.38 -26.96
C PHE A 66 -40.02 19.54 -26.30
N VAL A 67 -39.11 20.20 -25.54
CA VAL A 67 -38.05 19.49 -24.82
C VAL A 67 -38.70 18.59 -23.76
N LYS A 68 -39.68 19.12 -22.99
CA LYS A 68 -40.40 18.34 -21.99
C LYS A 68 -41.00 17.08 -22.64
N GLU A 69 -41.63 17.23 -23.82
CA GLU A 69 -42.17 16.11 -24.61
C GLU A 69 -41.06 15.11 -24.95
N THR A 70 -39.91 15.59 -25.46
CA THR A 70 -38.79 14.74 -25.84
C THR A 70 -38.29 13.93 -24.64
N VAL A 71 -38.07 14.60 -23.49
CA VAL A 71 -37.52 13.99 -22.28
C VAL A 71 -38.55 12.98 -21.73
N ASP A 72 -39.83 13.35 -21.64
CA ASP A 72 -40.89 12.45 -21.20
C ASP A 72 -40.95 11.18 -22.04
N LYS A 73 -40.78 11.31 -23.38
CA LYS A 73 -40.73 10.18 -24.31
C LYS A 73 -39.55 9.25 -23.98
N LEU A 74 -38.37 9.80 -23.64
CA LEU A 74 -37.20 8.97 -23.32
C LEU A 74 -37.48 8.07 -22.13
N LEU A 75 -38.18 8.58 -21.10
CA LEU A 75 -38.35 7.88 -19.83
C LEU A 75 -39.61 7.02 -19.84
N LYS A 76 -40.48 7.15 -20.87
CA LYS A 76 -41.71 6.38 -20.98
C LYS A 76 -41.36 4.93 -21.32
N GLY A 77 -41.73 3.99 -20.42
CA GLY A 77 -41.39 2.58 -20.57
C GLY A 77 -39.89 2.28 -20.39
N TYR A 78 -39.13 3.17 -19.75
CA TYR A 78 -37.70 2.95 -19.49
C TYR A 78 -37.60 2.06 -18.25
N ASP A 79 -36.85 0.94 -18.34
CA ASP A 79 -36.64 0.04 -17.20
C ASP A 79 -35.25 0.27 -16.59
N ILE A 80 -35.21 0.93 -15.42
CA ILE A 80 -33.98 1.14 -14.64
C ILE A 80 -33.34 -0.19 -14.21
N ARG A 81 -34.11 -1.30 -14.12
CA ARG A 81 -33.56 -2.59 -13.71
C ARG A 81 -32.59 -3.17 -14.74
N LEU A 82 -32.70 -2.75 -16.01
CA LEU A 82 -31.95 -3.37 -17.09
C LEU A 82 -30.83 -2.42 -17.53
N ARG A 83 -29.60 -2.93 -17.55
CA ARG A 83 -28.46 -2.18 -18.08
C ARG A 83 -28.70 -1.87 -19.56
N PRO A 84 -28.06 -0.84 -20.17
CA PRO A 84 -28.02 -0.69 -21.63
C PRO A 84 -27.52 -1.95 -22.34
N ASP A 85 -28.18 -2.34 -23.46
CA ASP A 85 -27.93 -3.55 -24.24
C ASP A 85 -28.00 -4.81 -23.37
N PHE A 86 -28.98 -4.87 -22.44
CA PHE A 86 -29.19 -6.05 -21.61
C PHE A 86 -29.24 -7.32 -22.46
N GLY A 87 -28.52 -8.37 -22.05
CA GLY A 87 -28.45 -9.64 -22.77
C GLY A 87 -27.56 -9.62 -24.03
N GLY A 88 -26.97 -8.47 -24.40
CA GLY A 88 -26.16 -8.31 -25.59
C GLY A 88 -24.69 -8.06 -25.22
N PRO A 89 -23.86 -7.36 -26.04
CA PRO A 89 -22.46 -7.07 -25.68
C PRO A 89 -22.34 -6.22 -24.41
N PRO A 90 -21.19 -6.19 -23.67
CA PRO A 90 -21.10 -5.39 -22.44
C PRO A 90 -21.20 -3.89 -22.73
N VAL A 91 -21.79 -3.13 -21.79
CA VAL A 91 -21.75 -1.66 -21.83
C VAL A 91 -20.33 -1.20 -21.47
N CYS A 92 -19.72 -0.34 -22.30
CA CYS A 92 -18.38 0.18 -22.02
C CYS A 92 -18.51 1.48 -21.23
N VAL A 93 -17.88 1.55 -20.05
CA VAL A 93 -17.98 2.71 -19.17
C VAL A 93 -16.60 3.37 -19.10
N GLY A 94 -16.50 4.61 -19.62
CA GLY A 94 -15.29 5.40 -19.52
C GLY A 94 -15.26 6.25 -18.24
N MET A 95 -14.10 6.33 -17.56
CA MET A 95 -13.98 7.00 -16.27
C MET A 95 -12.92 8.10 -16.38
N ASN A 96 -13.27 9.29 -15.89
CA ASN A 96 -12.33 10.36 -15.63
C ASN A 96 -12.37 10.66 -14.14
N ILE A 97 -11.23 11.07 -13.58
CA ILE A 97 -11.20 11.63 -12.24
C ILE A 97 -10.50 12.97 -12.30
N ASP A 98 -11.04 13.96 -11.59
CA ASP A 98 -10.34 15.19 -11.30
C ASP A 98 -10.15 15.21 -9.79
N ILE A 99 -8.89 15.17 -9.35
CA ILE A 99 -8.59 15.21 -7.92
C ILE A 99 -8.80 16.65 -7.44
N ALA A 100 -9.59 16.79 -6.38
CA ALA A 100 -9.77 18.05 -5.68
C ALA A 100 -8.66 18.23 -4.63
N SER A 101 -8.38 17.17 -3.85
CA SER A 101 -7.54 17.23 -2.67
C SER A 101 -7.21 15.83 -2.17
N ILE A 102 -6.05 15.69 -1.52
CA ILE A 102 -5.87 14.69 -0.49
C ILE A 102 -5.73 15.47 0.82
N ASP A 103 -6.72 15.32 1.72
CA ASP A 103 -6.77 16.13 2.94
C ASP A 103 -5.84 15.57 4.01
N MET A 104 -5.80 14.24 4.16
CA MET A 104 -5.14 13.63 5.30
C MET A 104 -4.41 12.40 4.80
N VAL A 105 -3.29 12.07 5.44
CA VAL A 105 -2.75 10.73 5.42
C VAL A 105 -2.54 10.38 6.89
N SER A 106 -3.00 9.20 7.32
CA SER A 106 -2.89 8.75 8.70
C SER A 106 -2.06 7.47 8.74
N GLU A 107 -0.90 7.51 9.42
CA GLU A 107 -0.12 6.30 9.67
C GLU A 107 -0.85 5.46 10.72
N VAL A 108 -1.51 6.11 11.69
CA VAL A 108 -2.19 5.46 12.82
C VAL A 108 -3.31 4.57 12.28
N ASN A 109 -4.13 5.11 11.36
CA ASN A 109 -5.26 4.40 10.80
C ASN A 109 -4.92 3.74 9.46
N MET A 110 -3.70 3.96 8.94
CA MET A 110 -3.24 3.42 7.68
C MET A 110 -4.35 3.63 6.64
N ASP A 111 -4.66 4.93 6.43
CA ASP A 111 -5.64 5.38 5.46
C ASP A 111 -5.36 6.84 5.07
N TYR A 112 -6.05 7.34 4.04
CA TYR A 112 -5.89 8.69 3.52
C TYR A 112 -7.26 9.14 3.03
N THR A 113 -7.49 10.45 2.91
CA THR A 113 -8.79 10.98 2.58
C THR A 113 -8.66 11.78 1.29
N LEU A 114 -9.52 11.45 0.32
CA LEU A 114 -9.40 11.88 -1.05
C LEU A 114 -10.74 12.47 -1.46
N THR A 115 -10.75 13.65 -2.10
CA THR A 115 -11.98 14.27 -2.55
C THR A 115 -11.83 14.48 -4.04
N MET A 116 -12.87 14.16 -4.81
CA MET A 116 -12.66 14.05 -6.24
C MET A 116 -13.96 14.23 -7.02
N TYR A 117 -13.83 14.63 -8.27
CA TYR A 117 -14.91 14.64 -9.24
C TYR A 117 -14.76 13.36 -10.04
N PHE A 118 -15.75 12.47 -9.95
CA PHE A 118 -15.72 11.17 -10.58
C PHE A 118 -16.70 11.19 -11.73
N GLN A 119 -16.23 11.13 -12.99
CA GLN A 119 -17.08 11.22 -14.18
C GLN A 119 -17.16 9.84 -14.80
N GLN A 120 -18.38 9.39 -15.17
CA GLN A 120 -18.58 8.15 -15.90
C GLN A 120 -19.30 8.48 -17.20
N TYR A 121 -18.82 7.92 -18.33
CA TYR A 121 -19.44 8.06 -19.64
C TYR A 121 -19.84 6.67 -20.08
N TRP A 122 -21.04 6.51 -20.66
CA TRP A 122 -21.44 5.30 -21.35
C TRP A 122 -22.54 5.64 -22.36
N ARG A 123 -22.82 4.74 -23.30
CA ARG A 123 -23.89 4.98 -24.25
C ARG A 123 -25.11 4.16 -23.83
N ASP A 124 -26.28 4.82 -23.75
CA ASP A 124 -27.57 4.16 -23.59
C ASP A 124 -28.47 4.62 -24.74
N LYS A 125 -28.64 3.76 -25.76
CA LYS A 125 -29.38 4.13 -26.97
C LYS A 125 -30.89 4.34 -26.66
N ARG A 126 -31.40 3.84 -25.52
CA ARG A 126 -32.73 4.20 -25.03
C ARG A 126 -32.88 5.72 -24.79
N LEU A 127 -31.77 6.45 -24.61
CA LEU A 127 -31.79 7.88 -24.31
C LEU A 127 -31.34 8.72 -25.50
N ALA A 128 -31.23 8.12 -26.71
CA ALA A 128 -30.93 8.86 -27.93
C ALA A 128 -32.13 9.74 -28.29
N TYR A 129 -31.87 10.99 -28.74
CA TYR A 129 -32.94 11.92 -29.08
C TYR A 129 -32.59 12.65 -30.38
N SER A 130 -33.63 13.06 -31.13
CA SER A 130 -33.50 13.73 -32.41
C SER A 130 -34.23 15.07 -32.39
N GLY A 131 -33.88 15.95 -33.34
CA GLY A 131 -34.54 17.24 -33.52
C GLY A 131 -34.10 18.32 -32.51
N ILE A 132 -33.05 18.06 -31.70
CA ILE A 132 -32.49 19.03 -30.77
C ILE A 132 -30.98 19.00 -30.99
N PRO A 133 -30.34 20.01 -31.66
CA PRO A 133 -28.87 20.07 -31.74
C PRO A 133 -28.28 20.78 -30.51
N LEU A 134 -28.52 20.18 -29.32
CA LEU A 134 -27.99 20.62 -28.04
C LEU A 134 -27.60 19.37 -27.24
N ASN A 135 -26.61 19.48 -26.34
CA ASN A 135 -26.51 18.55 -25.22
C ASN A 135 -27.47 18.97 -24.11
N LEU A 136 -28.25 18.02 -23.54
CA LEU A 136 -29.24 18.33 -22.51
C LEU A 136 -28.63 18.08 -21.13
N THR A 137 -28.34 19.15 -20.37
CA THR A 137 -28.00 19.04 -18.96
C THR A 137 -29.30 19.07 -18.17
N LEU A 138 -29.56 17.98 -17.42
CA LEU A 138 -30.81 17.84 -16.68
C LEU A 138 -30.53 18.02 -15.20
N ASP A 139 -31.55 18.45 -14.45
CA ASP A 139 -31.46 18.57 -13.00
C ASP A 139 -31.08 17.22 -12.43
N ASN A 140 -30.21 17.24 -11.40
CA ASN A 140 -29.56 16.07 -10.80
C ASN A 140 -30.55 14.95 -10.46
N ARG A 141 -31.77 15.30 -10.02
CA ARG A 141 -32.77 14.34 -9.53
C ARG A 141 -33.17 13.30 -10.60
N VAL A 142 -32.99 13.60 -11.92
CA VAL A 142 -33.24 12.63 -12.99
C VAL A 142 -32.36 11.38 -12.85
N ALA A 143 -31.20 11.46 -12.18
CA ALA A 143 -30.35 10.30 -12.00
C ALA A 143 -31.10 9.13 -11.36
N ASP A 144 -32.09 9.40 -10.49
CA ASP A 144 -32.91 8.37 -9.87
C ASP A 144 -33.86 7.67 -10.86
N GLN A 145 -34.08 8.24 -12.07
CA GLN A 145 -34.92 7.64 -13.11
C GLN A 145 -34.09 6.96 -14.22
N LEU A 146 -32.75 6.88 -14.10
CA LEU A 146 -31.91 6.23 -15.10
C LEU A 146 -31.18 5.04 -14.48
N TRP A 147 -30.79 4.09 -15.34
CA TRP A 147 -29.75 3.13 -15.00
C TRP A 147 -28.44 3.88 -14.94
N VAL A 148 -27.65 3.63 -13.90
CA VAL A 148 -26.27 4.11 -13.83
C VAL A 148 -25.39 2.94 -13.42
N PRO A 149 -24.07 2.89 -13.75
CA PRO A 149 -23.24 1.77 -13.34
C PRO A 149 -23.15 1.63 -11.82
N ASP A 150 -22.89 0.40 -11.34
CA ASP A 150 -22.82 0.07 -9.92
C ASP A 150 -21.38 0.15 -9.41
N THR A 151 -20.74 1.29 -9.63
CA THR A 151 -19.31 1.39 -9.44
C THR A 151 -19.03 1.57 -7.95
N TYR A 152 -17.99 0.93 -7.40
CA TYR A 152 -17.63 1.14 -5.99
C TYR A 152 -16.11 1.18 -5.83
N PHE A 153 -15.66 1.72 -4.68
CA PHE A 153 -14.25 1.80 -4.34
C PHE A 153 -13.92 0.69 -3.35
N LEU A 154 -13.10 -0.23 -3.84
CA LEU A 154 -12.95 -1.53 -3.22
C LEU A 154 -12.10 -1.38 -1.95
N ASN A 155 -11.17 -0.41 -1.91
CA ASN A 155 -10.36 -0.18 -0.71
C ASN A 155 -10.87 1.01 0.10
N ASP A 156 -12.13 1.47 -0.08
CA ASP A 156 -12.65 2.56 0.72
C ASP A 156 -13.07 2.02 2.09
N LYS A 157 -13.01 2.89 3.11
CA LYS A 157 -13.45 2.57 4.46
C LYS A 157 -14.78 3.27 4.73
N LYS A 158 -14.95 4.51 4.24
CA LYS A 158 -16.17 5.29 4.39
C LYS A 158 -16.12 6.42 3.38
N SER A 159 -17.25 6.62 2.67
CA SER A 159 -17.32 7.49 1.51
C SER A 159 -18.71 8.12 1.45
N PHE A 160 -18.82 9.35 0.95
CA PHE A 160 -20.11 9.98 0.74
C PHE A 160 -20.06 10.85 -0.52
N VAL A 161 -21.25 11.11 -1.08
CA VAL A 161 -21.41 12.10 -2.12
C VAL A 161 -21.84 13.39 -1.42
N HIS A 162 -21.15 14.51 -1.74
CA HIS A 162 -21.40 15.77 -1.06
C HIS A 162 -22.82 16.25 -1.35
N GLY A 163 -23.46 16.92 -0.36
CA GLY A 163 -24.91 17.09 -0.30
C GLY A 163 -25.42 18.52 -0.27
N VAL A 164 -24.55 19.55 -0.25
CA VAL A 164 -24.99 20.92 -0.11
C VAL A 164 -24.58 21.67 -1.40
N THR A 165 -25.45 22.48 -2.03
CA THR A 165 -26.81 22.84 -1.61
C THR A 165 -27.79 21.77 -2.10
N VAL A 166 -27.36 20.91 -3.04
CA VAL A 166 -28.10 19.75 -3.52
C VAL A 166 -27.13 18.57 -3.53
N LYS A 167 -27.58 17.34 -3.84
CA LYS A 167 -26.66 16.23 -4.07
C LYS A 167 -25.73 16.60 -5.24
N ASN A 168 -24.40 16.46 -5.05
CA ASN A 168 -23.40 17.03 -5.96
C ASN A 168 -23.18 16.05 -7.11
N ARG A 169 -23.96 16.22 -8.18
CA ARG A 169 -24.25 15.14 -9.11
C ARG A 169 -24.77 15.75 -10.40
N MET A 170 -24.33 15.21 -11.55
CA MET A 170 -24.55 15.84 -12.84
C MET A 170 -25.00 14.76 -13.81
N ILE A 171 -26.00 15.06 -14.67
CA ILE A 171 -26.33 14.24 -15.82
C ILE A 171 -26.32 15.14 -17.05
N ARG A 172 -25.64 14.70 -18.11
CA ARG A 172 -25.62 15.38 -19.39
C ARG A 172 -25.87 14.32 -20.45
N LEU A 173 -26.97 14.46 -21.22
CA LEU A 173 -27.23 13.57 -22.35
C LEU A 173 -26.69 14.24 -23.61
N HIS A 174 -26.39 13.39 -24.60
CA HIS A 174 -25.94 13.81 -25.92
C HIS A 174 -26.89 13.17 -26.93
N PRO A 175 -27.11 13.73 -28.15
CA PRO A 175 -28.11 13.16 -29.07
C PRO A 175 -28.04 11.65 -29.38
N ASP A 176 -26.82 11.08 -29.42
CA ASP A 176 -26.62 9.67 -29.76
C ASP A 176 -26.89 8.74 -28.56
N GLY A 177 -27.26 9.28 -27.40
CA GLY A 177 -27.56 8.48 -26.22
C GLY A 177 -26.37 8.37 -25.26
N THR A 178 -25.28 9.11 -25.51
CA THR A 178 -24.17 9.16 -24.57
C THR A 178 -24.62 9.92 -23.31
N VAL A 179 -24.41 9.30 -22.14
CA VAL A 179 -24.69 9.87 -20.84
C VAL A 179 -23.34 10.25 -20.27
N LEU A 180 -23.21 11.46 -19.75
CA LEU A 180 -22.13 11.79 -18.82
C LEU A 180 -22.76 11.88 -17.44
N TYR A 181 -22.21 11.16 -16.44
CA TYR A 181 -22.68 11.19 -15.07
C TYR A 181 -21.52 11.54 -14.12
N GLY A 182 -21.62 12.70 -13.44
CA GLY A 182 -20.57 13.21 -12.56
C GLY A 182 -21.00 13.15 -11.09
N LEU A 183 -20.05 12.87 -10.18
CA LEU A 183 -20.29 12.85 -8.74
C LEU A 183 -19.11 13.48 -8.02
N ARG A 184 -19.37 14.28 -7.00
CA ARG A 184 -18.30 14.73 -6.11
C ARG A 184 -18.30 13.84 -4.86
N ILE A 185 -17.18 13.13 -4.62
CA ILE A 185 -17.07 12.08 -3.62
C ILE A 185 -15.92 12.44 -2.70
N THR A 186 -16.12 12.31 -1.38
CA THR A 186 -15.04 12.17 -0.43
C THR A 186 -15.00 10.72 0.03
N THR A 187 -13.80 10.13 0.06
CA THR A 187 -13.58 8.73 0.39
C THR A 187 -12.37 8.67 1.32
N THR A 188 -12.50 7.96 2.45
CA THR A 188 -11.34 7.56 3.21
C THR A 188 -11.01 6.15 2.74
N ALA A 189 -9.74 5.92 2.36
CA ALA A 189 -9.34 4.70 1.67
C ALA A 189 -8.14 4.12 2.40
N ALA A 190 -8.08 2.77 2.49
CA ALA A 190 -6.98 2.08 3.15
C ALA A 190 -5.68 2.25 2.36
N CYS A 191 -4.57 2.36 3.13
CA CYS A 191 -3.22 2.44 2.63
C CYS A 191 -2.32 1.67 3.59
N MET A 192 -2.17 0.36 3.37
CA MET A 192 -1.17 -0.39 4.11
C MET A 192 0.20 0.22 3.83
N MET A 193 0.90 0.59 4.90
CA MET A 193 2.14 1.33 4.80
C MET A 193 3.26 0.45 5.33
N ASP A 194 4.39 0.46 4.60
CA ASP A 194 5.61 -0.20 5.03
C ASP A 194 6.43 0.87 5.75
N LEU A 195 6.52 0.77 7.08
CA LEU A 195 7.16 1.80 7.89
C LEU A 195 8.58 1.41 8.32
N ARG A 196 9.19 0.43 7.63
CA ARG A 196 10.53 -0.06 7.99
C ARG A 196 11.57 1.05 7.81
N ARG A 197 11.42 1.94 6.81
CA ARG A 197 12.36 3.04 6.61
C ARG A 197 11.79 4.38 7.10
N TYR A 198 10.75 4.36 7.95
CA TYR A 198 10.06 5.59 8.34
C TYR A 198 10.99 6.41 9.23
N PRO A 199 11.15 7.76 9.09
CA PRO A 199 10.41 8.63 8.16
C PRO A 199 11.06 8.93 6.79
N LEU A 200 11.96 8.06 6.32
CA LEU A 200 12.61 8.21 5.02
C LEU A 200 11.98 7.22 4.05
N ASP A 201 10.64 7.16 4.11
CA ASP A 201 9.86 6.08 3.50
C ASP A 201 9.20 6.66 2.25
N GLU A 202 8.85 5.74 1.35
CA GLU A 202 8.00 6.02 0.20
C GLU A 202 6.79 5.11 0.34
N GLN A 203 5.57 5.66 0.15
CA GLN A 203 4.37 4.85 0.20
C GLN A 203 3.70 4.82 -1.17
N ASN A 204 3.05 3.69 -1.50
CA ASN A 204 2.21 3.57 -2.68
C ASN A 204 0.78 3.48 -2.16
N CYS A 205 0.00 4.56 -2.36
CA CYS A 205 -1.40 4.66 -1.95
C CYS A 205 -2.29 4.54 -3.16
N THR A 206 -3.34 3.69 -3.14
CA THR A 206 -4.08 3.35 -4.35
C THR A 206 -5.56 3.68 -4.16
N LEU A 207 -6.30 3.82 -5.27
CA LEU A 207 -7.75 3.78 -5.25
C LEU A 207 -8.20 2.72 -6.27
N GLU A 208 -8.89 1.67 -5.81
CA GLU A 208 -9.30 0.55 -6.66
C GLU A 208 -10.78 0.74 -7.00
N ILE A 209 -11.14 0.70 -8.29
CA ILE A 209 -12.48 1.01 -8.74
C ILE A 209 -13.03 -0.25 -9.42
N GLU A 210 -14.20 -0.75 -9.00
CA GLU A 210 -14.69 -2.03 -9.50
C GLU A 210 -16.21 -1.96 -9.71
N SER A 211 -16.72 -2.86 -10.58
CA SER A 211 -18.15 -3.12 -10.71
C SER A 211 -18.61 -4.01 -9.56
N TYR A 212 -19.69 -3.62 -8.86
CA TYR A 212 -20.12 -4.39 -7.71
C TYR A 212 -20.70 -5.73 -8.16
N GLY A 213 -21.73 -5.67 -9.02
CA GLY A 213 -22.57 -6.82 -9.36
C GLY A 213 -22.43 -7.29 -10.79
N TYR A 214 -22.04 -6.41 -11.73
CA TYR A 214 -21.96 -6.77 -13.13
C TYR A 214 -20.57 -7.32 -13.43
N THR A 215 -20.53 -8.49 -14.09
CA THR A 215 -19.29 -9.12 -14.51
C THR A 215 -18.82 -8.48 -15.82
N THR A 216 -17.68 -8.93 -16.37
CA THR A 216 -17.17 -8.46 -17.65
C THR A 216 -18.02 -8.90 -18.85
N ASP A 217 -18.95 -9.86 -18.67
CA ASP A 217 -20.01 -10.11 -19.65
C ASP A 217 -20.95 -8.90 -19.85
N ASP A 218 -21.16 -8.10 -18.79
CA ASP A 218 -22.16 -7.05 -18.78
C ASP A 218 -21.52 -5.67 -18.88
N ILE A 219 -20.29 -5.49 -18.41
CA ILE A 219 -19.71 -4.16 -18.27
C ILE A 219 -18.20 -4.26 -18.49
N GLU A 220 -17.61 -3.22 -19.10
CA GLU A 220 -16.18 -3.09 -19.24
C GLU A 220 -15.81 -1.68 -18.83
N PHE A 221 -14.66 -1.52 -18.17
CA PHE A 221 -14.21 -0.24 -17.71
C PHE A 221 -12.99 0.18 -18.51
N TYR A 222 -12.85 1.49 -18.76
CA TYR A 222 -11.61 2.02 -19.32
C TYR A 222 -11.39 3.44 -18.79
N TRP A 223 -10.12 3.84 -18.79
CA TRP A 223 -9.71 5.20 -18.48
C TRP A 223 -10.01 6.05 -19.70
N ARG A 224 -10.91 7.03 -19.58
CA ARG A 224 -11.32 7.81 -20.74
C ARG A 224 -10.28 8.92 -20.97
N GLY A 225 -9.59 8.87 -22.11
CA GLY A 225 -8.42 9.69 -22.38
C GLY A 225 -7.10 9.01 -22.00
N GLY A 226 -7.14 7.71 -21.67
CA GLY A 226 -5.94 6.92 -21.42
C GLY A 226 -5.16 7.48 -20.23
N ASP A 227 -3.88 7.80 -20.43
CA ASP A 227 -3.01 8.24 -19.35
C ASP A 227 -3.32 9.68 -18.92
N LYS A 228 -4.19 10.40 -19.67
CA LYS A 228 -4.65 11.74 -19.30
C LYS A 228 -5.99 11.72 -18.55
N ALA A 229 -6.50 10.53 -18.18
CA ALA A 229 -7.83 10.40 -17.61
C ALA A 229 -7.91 10.91 -16.17
N VAL A 230 -6.79 11.02 -15.42
CA VAL A 230 -6.81 11.60 -14.08
C VAL A 230 -6.03 12.92 -14.09
N THR A 231 -6.70 13.99 -13.61
CA THR A 231 -6.20 15.36 -13.58
C THR A 231 -6.20 15.85 -12.14
N GLY A 232 -5.53 16.99 -11.89
CA GLY A 232 -5.51 17.63 -10.59
C GLY A 232 -4.52 17.04 -9.60
N VAL A 233 -3.55 16.22 -10.07
CA VAL A 233 -2.53 15.64 -9.19
C VAL A 233 -1.64 16.76 -8.66
N GLU A 234 -1.37 17.80 -9.49
CA GLU A 234 -0.66 19.01 -9.07
C GLU A 234 -1.39 19.82 -7.98
N ARG A 235 -2.71 19.65 -7.81
CA ARG A 235 -3.48 20.32 -6.76
C ARG A 235 -3.25 19.72 -5.38
N ILE A 236 -2.74 18.47 -5.32
CA ILE A 236 -2.50 17.81 -4.03
C ILE A 236 -1.41 18.64 -3.33
N GLU A 237 -1.75 19.16 -2.14
CA GLU A 237 -0.86 19.96 -1.30
C GLU A 237 -0.86 19.33 0.09
N LEU A 238 0.00 18.31 0.26
CA LEU A 238 0.19 17.66 1.54
C LEU A 238 1.44 18.26 2.20
N PRO A 239 1.38 18.82 3.44
CA PRO A 239 2.60 19.37 4.05
C PRO A 239 3.68 18.29 4.18
N GLN A 240 3.31 17.07 4.62
CA GLN A 240 4.27 16.04 5.01
C GLN A 240 4.70 15.20 3.80
N PHE A 241 4.09 15.35 2.61
CA PHE A 241 4.38 14.49 1.47
C PHE A 241 4.52 15.29 0.17
N SER A 242 5.25 14.71 -0.80
CA SER A 242 5.16 15.07 -2.20
C SER A 242 4.73 13.85 -3.02
N ILE A 243 3.93 14.09 -4.08
CA ILE A 243 3.59 13.06 -5.07
C ILE A 243 4.73 13.00 -6.09
N VAL A 244 5.40 11.84 -6.15
CA VAL A 244 6.51 11.59 -7.07
C VAL A 244 5.93 11.24 -8.44
N GLU A 245 4.93 10.34 -8.46
CA GLU A 245 4.45 9.71 -9.68
C GLU A 245 3.00 9.26 -9.46
N HIS A 246 2.19 9.20 -10.53
CA HIS A 246 0.93 8.48 -10.52
C HIS A 246 0.83 7.56 -11.75
N ARG A 247 0.11 6.43 -11.59
CA ARG A 247 -0.10 5.44 -12.65
C ARG A 247 -1.55 5.01 -12.71
N LEU A 248 -2.00 4.66 -13.93
CA LEU A 248 -3.34 4.18 -14.20
C LEU A 248 -3.25 2.77 -14.77
N VAL A 249 -4.01 1.85 -14.16
CA VAL A 249 -3.96 0.44 -14.50
C VAL A 249 -5.40 0.00 -14.77
N SER A 250 -5.54 -0.91 -15.74
CA SER A 250 -6.79 -1.62 -16.01
C SER A 250 -6.51 -3.11 -15.99
N ARG A 251 -7.34 -3.89 -15.27
CA ARG A 251 -7.24 -5.35 -15.30
C ARG A 251 -8.63 -5.94 -15.03
N ASN A 252 -8.75 -7.25 -15.28
CA ASN A 252 -9.92 -8.00 -14.88
C ASN A 252 -9.51 -8.87 -13.69
N VAL A 253 -10.43 -9.03 -12.74
CA VAL A 253 -10.17 -9.67 -11.46
C VAL A 253 -11.20 -10.78 -11.36
N VAL A 254 -10.81 -11.96 -10.84
CA VAL A 254 -11.70 -13.12 -10.78
C VAL A 254 -12.03 -13.40 -9.32
N PHE A 255 -13.33 -13.56 -9.06
CA PHE A 255 -13.88 -14.12 -7.83
C PHE A 255 -14.71 -15.36 -8.19
N ALA A 256 -15.21 -16.07 -7.16
CA ALA A 256 -16.13 -17.19 -7.35
C ALA A 256 -17.36 -16.79 -8.16
N THR A 257 -17.90 -15.58 -7.92
CA THR A 257 -19.12 -15.11 -8.55
C THR A 257 -18.89 -14.61 -9.99
N GLY A 258 -17.62 -14.43 -10.44
CA GLY A 258 -17.30 -14.20 -11.85
C GLY A 258 -16.12 -13.24 -12.01
N ALA A 259 -15.89 -12.78 -13.25
CA ALA A 259 -14.77 -11.89 -13.58
C ALA A 259 -15.26 -10.45 -13.60
N TYR A 260 -14.55 -9.53 -12.92
CA TYR A 260 -15.05 -8.17 -12.72
C TYR A 260 -14.06 -7.18 -13.31
N PRO A 261 -14.49 -6.09 -13.97
CA PRO A 261 -13.53 -5.10 -14.43
C PRO A 261 -13.01 -4.28 -13.24
N ARG A 262 -11.74 -3.89 -13.33
CA ARG A 262 -11.08 -3.16 -12.27
C ARG A 262 -10.29 -2.04 -12.92
N LEU A 263 -10.36 -0.85 -12.34
CA LEU A 263 -9.39 0.19 -12.63
C LEU A 263 -8.67 0.55 -11.35
N SER A 264 -7.39 0.90 -11.47
CA SER A 264 -6.59 1.32 -10.35
C SER A 264 -5.96 2.66 -10.70
N LEU A 265 -6.07 3.60 -9.77
CA LEU A 265 -5.23 4.79 -9.72
C LEU A 265 -4.25 4.56 -8.58
N SER A 266 -2.97 4.85 -8.78
CA SER A 266 -1.99 4.76 -7.69
C SER A 266 -1.08 5.97 -7.71
N PHE A 267 -0.63 6.39 -6.51
CA PHE A 267 0.29 7.49 -6.31
C PHE A 267 1.50 6.96 -5.55
N ARG A 268 2.68 7.54 -5.79
CA ARG A 268 3.86 7.27 -4.98
C ARG A 268 4.13 8.54 -4.17
N LEU A 269 4.16 8.42 -2.83
CA LEU A 269 4.19 9.54 -1.90
C LEU A 269 5.52 9.52 -1.14
N LYS A 270 6.37 10.55 -1.36
CA LYS A 270 7.65 10.67 -0.69
C LYS A 270 7.46 11.55 0.54
N ARG A 271 7.76 11.02 1.73
CA ARG A 271 7.60 11.77 2.96
C ARG A 271 8.71 12.83 3.04
N ASN A 272 8.36 14.04 3.48
CA ASN A 272 9.31 15.14 3.65
C ASN A 272 10.01 15.00 5.00
N ILE A 273 11.35 15.08 4.97
CA ILE A 273 12.21 14.82 6.12
C ILE A 273 12.19 16.00 7.12
N GLY A 274 11.91 17.22 6.64
CA GLY A 274 12.18 18.46 7.36
C GLY A 274 11.56 18.55 8.76
N TYR A 275 10.30 18.11 8.93
CA TYR A 275 9.63 18.09 10.23
C TYR A 275 10.40 17.23 11.23
N PHE A 276 10.94 16.09 10.77
CA PHE A 276 11.61 15.12 11.63
C PHE A 276 13.00 15.59 12.03
N ILE A 277 13.72 16.29 11.14
CA ILE A 277 14.97 16.95 11.51
C ILE A 277 14.75 17.89 12.70
N LEU A 278 13.83 18.86 12.59
CA LEU A 278 13.62 19.93 13.57
C LEU A 278 12.99 19.50 14.88
N GLN A 279 12.25 18.37 14.90
CA GLN A 279 11.47 17.93 16.05
C GLN A 279 11.72 16.47 16.42
N THR A 280 12.81 15.84 15.95
CA THR A 280 13.19 14.49 16.35
C THR A 280 14.70 14.27 16.28
N TYR A 281 15.33 14.44 15.10
CA TYR A 281 16.76 14.17 14.93
C TYR A 281 17.60 15.23 15.64
N MET A 282 17.28 16.52 15.48
CA MET A 282 18.10 17.56 16.10
C MET A 282 17.96 17.48 17.62
N PRO A 283 16.77 17.34 18.26
CA PRO A 283 16.72 17.11 19.71
C PRO A 283 17.62 15.98 20.20
N SER A 284 17.61 14.84 19.48
CA SER A 284 18.35 13.67 19.92
C SER A 284 19.85 13.92 19.83
N ILE A 285 20.32 14.59 18.76
CA ILE A 285 21.73 14.95 18.60
C ILE A 285 22.15 15.87 19.75
N LEU A 286 21.35 16.87 20.09
CA LEU A 286 21.78 17.83 21.10
C LEU A 286 21.75 17.24 22.50
N ILE A 287 20.83 16.30 22.79
CA ILE A 287 20.85 15.62 24.09
C ILE A 287 22.09 14.75 24.18
N THR A 288 22.48 14.09 23.08
CA THR A 288 23.74 13.36 23.03
C THR A 288 24.95 14.26 23.29
N ILE A 289 24.98 15.46 22.70
CA ILE A 289 26.09 16.40 22.89
C ILE A 289 26.11 16.84 24.35
N LEU A 290 24.94 17.13 24.93
CA LEU A 290 24.86 17.50 26.33
C LEU A 290 25.51 16.46 27.24
N SER A 291 25.36 15.16 26.91
CA SER A 291 25.93 14.10 27.71
C SER A 291 27.46 14.18 27.79
N TRP A 292 28.11 14.78 26.77
CA TRP A 292 29.56 14.86 26.73
C TRP A 292 30.09 16.00 27.59
N VAL A 293 29.27 17.01 27.91
CA VAL A 293 29.63 18.07 28.85
C VAL A 293 30.19 17.44 30.13
N SER A 294 29.57 16.34 30.61
CA SER A 294 30.03 15.56 31.75
C SER A 294 31.55 15.28 31.74
N PHE A 295 32.15 15.02 30.56
CA PHE A 295 33.57 14.70 30.47
C PHE A 295 34.49 15.90 30.79
N TRP A 296 33.99 17.15 30.74
CA TRP A 296 34.78 18.32 31.14
C TRP A 296 34.53 18.74 32.60
N ILE A 297 33.57 18.11 33.28
CA ILE A 297 33.29 18.40 34.69
C ILE A 297 34.25 17.55 35.54
N ASN A 298 34.78 18.15 36.62
CA ASN A 298 35.70 17.51 37.53
C ASN A 298 35.07 16.24 38.11
N TYR A 299 35.85 15.14 38.26
CA TYR A 299 35.33 13.85 38.71
C TYR A 299 34.88 13.89 40.18
N ASP A 300 35.34 14.88 40.97
CA ASP A 300 34.85 15.11 42.33
C ASP A 300 33.39 15.61 42.37
N ALA A 301 32.86 16.19 41.26
CA ALA A 301 31.47 16.62 41.18
C ALA A 301 30.57 15.44 40.79
N SER A 302 30.39 14.51 41.74
CA SER A 302 29.66 13.26 41.53
C SER A 302 28.18 13.52 41.23
N ALA A 303 27.55 14.39 42.02
CA ALA A 303 26.15 14.75 41.83
C ALA A 303 25.98 15.39 40.44
N ALA A 304 26.85 16.34 40.07
CA ALA A 304 26.74 17.05 38.79
C ALA A 304 26.77 16.06 37.63
N ARG A 305 27.72 15.13 37.65
CA ARG A 305 27.98 14.27 36.51
C ARG A 305 26.93 13.18 36.40
N VAL A 306 26.45 12.66 37.54
CA VAL A 306 25.39 11.67 37.44
C VAL A 306 24.09 12.38 37.05
N ALA A 307 23.87 13.64 37.47
CA ALA A 307 22.71 14.41 37.03
C ALA A 307 22.72 14.62 35.51
N LEU A 308 23.87 14.99 34.92
CA LEU A 308 23.93 15.10 33.46
C LEU A 308 23.63 13.76 32.81
N GLY A 309 24.19 12.66 33.35
CA GLY A 309 23.93 11.34 32.81
C GLY A 309 22.45 10.95 32.87
N ILE A 310 21.82 11.10 34.04
CA ILE A 310 20.43 10.74 34.24
C ILE A 310 19.55 11.54 33.26
N THR A 311 19.78 12.85 33.16
CA THR A 311 18.82 13.71 32.47
C THR A 311 18.93 13.49 30.97
N THR A 312 20.11 13.11 30.47
CA THR A 312 20.27 12.78 29.07
C THR A 312 19.66 11.40 28.74
N VAL A 313 19.92 10.39 29.57
CA VAL A 313 19.30 9.06 29.43
C VAL A 313 17.77 9.22 29.45
N LEU A 314 17.21 9.97 30.42
CA LEU A 314 15.76 10.06 30.53
C LEU A 314 15.11 10.94 29.46
N THR A 315 15.75 11.98 28.90
CA THR A 315 15.13 12.77 27.83
C THR A 315 14.99 11.99 26.51
N MET A 316 15.85 10.98 26.31
CA MET A 316 15.79 10.15 25.12
C MET A 316 14.46 9.38 25.11
N THR A 317 14.04 8.96 26.30
CA THR A 317 12.82 8.19 26.49
C THR A 317 11.63 9.07 26.09
N THR A 318 11.71 10.36 26.40
CA THR A 318 10.64 11.29 26.14
C THR A 318 10.56 11.50 24.63
N ILE A 319 11.70 11.69 23.95
CA ILE A 319 11.66 11.75 22.49
C ILE A 319 10.88 10.52 22.01
N ASN A 320 11.32 9.31 22.37
CA ASN A 320 10.69 8.10 21.83
C ASN A 320 9.19 8.08 22.11
N THR A 321 8.75 8.41 23.34
CA THR A 321 7.35 8.32 23.72
C THR A 321 6.53 9.25 22.83
N HIS A 322 6.96 10.52 22.73
CA HIS A 322 6.30 11.45 21.84
C HIS A 322 6.20 10.88 20.43
N LEU A 323 7.30 10.35 19.88
CA LEU A 323 7.21 9.89 18.50
C LEU A 323 6.23 8.71 18.39
N ARG A 324 6.28 7.72 19.30
CA ARG A 324 5.45 6.52 19.31
C ARG A 324 3.96 6.83 19.49
N GLU A 325 3.63 8.03 19.99
CA GLU A 325 2.24 8.46 20.18
C GLU A 325 1.42 8.69 18.90
N THR A 326 2.00 8.78 17.69
CA THR A 326 1.27 9.07 16.47
C THR A 326 1.57 8.01 15.40
N LEU A 327 1.81 6.76 15.83
CA LEU A 327 2.21 5.70 14.93
C LEU A 327 1.48 4.42 15.29
N PRO A 328 1.17 3.49 14.34
CA PRO A 328 0.50 2.25 14.73
C PRO A 328 1.41 1.40 15.64
N LYS A 329 0.87 0.42 16.37
CA LYS A 329 1.68 -0.52 17.16
C LYS A 329 2.23 -1.61 16.24
N ILE A 330 3.22 -1.25 15.43
CA ILE A 330 3.82 -2.18 14.49
C ILE A 330 4.82 -3.05 15.25
N PRO A 331 5.03 -4.36 14.91
CA PRO A 331 5.98 -5.21 15.64
C PRO A 331 7.46 -5.18 15.22
N TYR A 332 7.82 -4.31 14.25
CA TYR A 332 9.18 -4.25 13.72
C TYR A 332 9.80 -2.89 14.06
N VAL A 333 11.11 -2.75 13.80
CA VAL A 333 11.90 -1.58 14.10
C VAL A 333 11.82 -0.65 12.88
N THR A 334 11.63 0.66 13.13
CA THR A 334 11.63 1.68 12.08
C THR A 334 13.04 2.28 12.01
N ALA A 335 13.36 3.03 10.93
CA ALA A 335 14.63 3.75 10.81
C ALA A 335 14.84 4.74 11.97
N ILE A 336 13.81 5.51 12.35
CA ILE A 336 13.94 6.48 13.44
C ILE A 336 14.25 5.78 14.77
N ASP A 337 13.63 4.61 15.03
CA ASP A 337 13.93 3.83 16.23
C ASP A 337 15.39 3.39 16.26
N MET A 338 15.98 3.05 15.09
CA MET A 338 17.38 2.67 15.05
C MET A 338 18.28 3.85 15.43
N TYR A 339 17.92 5.07 14.99
CA TYR A 339 18.67 6.27 15.36
C TYR A 339 18.62 6.50 16.87
N LEU A 340 17.41 6.44 17.45
CA LEU A 340 17.20 6.72 18.87
C LEU A 340 17.87 5.67 19.74
N MET A 341 17.83 4.40 19.34
CA MET A 341 18.55 3.36 20.06
C MET A 341 20.05 3.64 20.05
N GLY A 342 20.59 4.10 18.91
CA GLY A 342 22.00 4.45 18.82
C GLY A 342 22.34 5.58 19.80
N CYS A 343 21.56 6.66 19.74
CA CYS A 343 21.73 7.79 20.65
C CYS A 343 21.63 7.34 22.10
N PHE A 344 20.67 6.45 22.40
CA PHE A 344 20.50 5.97 23.77
C PHE A 344 21.74 5.23 24.26
N VAL A 345 22.32 4.35 23.43
CA VAL A 345 23.55 3.65 23.76
C VAL A 345 24.66 4.67 24.06
N PHE A 346 24.79 5.74 23.26
CA PHE A 346 25.80 6.76 23.52
C PHE A 346 25.61 7.42 24.89
N VAL A 347 24.37 7.81 25.23
CA VAL A 347 24.15 8.59 26.45
C VAL A 347 24.26 7.68 27.68
N PHE A 348 23.82 6.41 27.57
CA PHE A 348 24.01 5.41 28.61
C PHE A 348 25.50 5.12 28.85
N LEU A 349 26.31 4.95 27.79
CA LEU A 349 27.75 4.71 27.95
C LEU A 349 28.46 5.90 28.59
N ALA A 350 27.99 7.13 28.33
CA ALA A 350 28.60 8.30 28.92
C ALA A 350 28.47 8.23 30.44
N LEU A 351 27.31 7.76 30.93
CA LEU A 351 27.05 7.63 32.36
C LEU A 351 27.85 6.50 32.99
N LEU A 352 27.95 5.33 32.32
CA LEU A 352 28.83 4.24 32.74
C LEU A 352 30.30 4.68 32.78
N GLU A 353 30.74 5.58 31.87
CA GLU A 353 32.12 6.08 31.89
C GLU A 353 32.38 6.77 33.22
N TYR A 354 31.38 7.52 33.75
CA TYR A 354 31.53 8.19 35.02
C TYR A 354 31.66 7.14 36.13
N ALA A 355 30.82 6.10 36.12
CA ALA A 355 30.92 5.01 37.08
C ALA A 355 32.31 4.34 37.04
N PHE A 356 32.91 4.17 35.86
CA PHE A 356 34.25 3.58 35.77
C PHE A 356 35.30 4.53 36.38
N VAL A 357 35.24 5.84 36.04
CA VAL A 357 36.12 6.86 36.61
C VAL A 357 35.93 6.92 38.13
N ASN A 358 34.67 7.01 38.59
CA ASN A 358 34.31 7.05 40.00
C ASN A 358 34.95 5.86 40.74
N TYR A 359 34.90 4.66 40.13
CA TYR A 359 35.36 3.42 40.74
C TYR A 359 36.87 3.40 40.97
N ILE A 360 37.68 4.10 40.13
CA ILE A 360 39.13 3.95 40.16
C ILE A 360 39.86 5.23 40.62
N PHE A 361 39.20 6.41 40.77
CA PHE A 361 39.96 7.67 40.86
C PHE A 361 40.67 7.80 42.21
N PHE A 362 40.18 7.13 43.27
CA PHE A 362 40.85 7.13 44.57
C PHE A 362 42.23 6.46 44.44
N SER A 363 42.27 5.18 44.01
CA SER A 363 43.49 4.39 43.87
C SER A 363 44.36 4.87 42.70
N GLN A 364 43.73 5.18 41.54
CA GLN A 364 44.41 5.38 40.26
C GLN A 364 44.03 6.76 39.68
N PRO A 365 44.35 7.90 40.34
CA PRO A 365 43.89 9.20 39.83
C PRO A 365 44.42 9.61 38.45
N ALA A 366 45.56 9.02 38.02
CA ALA A 366 46.17 9.28 36.72
C ALA A 366 45.40 8.58 35.60
N ARG A 367 45.07 7.29 35.79
CA ARG A 367 44.27 6.53 34.84
C ARG A 367 42.89 7.15 34.70
N ALA A 368 42.25 7.52 35.84
CA ALA A 368 40.96 8.20 35.84
C ALA A 368 40.98 9.47 34.98
N ALA A 369 42.02 10.29 35.15
CA ALA A 369 42.16 11.54 34.40
C ALA A 369 42.35 11.23 32.91
N ALA A 370 43.09 10.16 32.58
CA ALA A 370 43.33 9.74 31.19
C ALA A 370 42.03 9.35 30.50
N ILE A 371 41.13 8.64 31.20
CA ILE A 371 39.88 8.18 30.62
C ILE A 371 38.96 9.36 30.30
N ASP A 372 38.86 10.36 31.18
CA ASP A 372 38.10 11.57 30.87
C ASP A 372 38.70 12.28 29.65
N ARG A 373 40.04 12.37 29.61
CA ARG A 373 40.75 13.10 28.57
C ARG A 373 40.60 12.38 27.22
N TRP A 374 40.49 11.04 27.22
CA TRP A 374 40.24 10.29 26.00
C TRP A 374 38.78 10.43 25.58
N SER A 375 37.85 10.37 26.53
CA SER A 375 36.43 10.38 26.23
C SER A 375 36.07 11.61 25.44
N ARG A 376 36.64 12.76 25.81
CA ARG A 376 36.37 14.03 25.17
C ARG A 376 36.56 13.98 23.64
N ILE A 377 37.45 13.11 23.12
CA ILE A 377 37.68 12.94 21.68
C ILE A 377 36.88 11.76 21.13
N VAL A 378 36.82 10.63 21.84
CA VAL A 378 36.34 9.35 21.32
C VAL A 378 34.81 9.35 21.19
N PHE A 379 34.05 9.88 22.17
CA PHE A 379 32.59 9.91 22.07
C PHE A 379 32.13 10.82 20.92
N PRO A 380 32.58 12.10 20.77
CA PRO A 380 32.20 12.87 19.57
C PRO A 380 32.56 12.21 18.24
N PHE A 381 33.74 11.57 18.17
CA PHE A 381 34.22 10.96 16.93
C PHE A 381 33.38 9.75 16.52
N THR A 382 33.07 8.87 17.50
CA THR A 382 32.31 7.65 17.29
C THR A 382 30.83 7.96 17.05
N PHE A 383 30.30 9.07 17.57
CA PHE A 383 28.94 9.52 17.26
C PHE A 383 28.87 10.08 15.84
N SER A 384 29.94 10.78 15.40
CA SER A 384 30.07 11.26 14.02
C SER A 384 30.07 10.08 13.04
N LEU A 385 30.83 9.01 13.35
CA LEU A 385 30.86 7.80 12.54
C LEU A 385 29.50 7.12 12.51
N PHE A 386 28.84 6.99 13.68
CA PHE A 386 27.49 6.45 13.77
C PHE A 386 26.55 7.21 12.82
N ASN A 387 26.58 8.56 12.86
CA ASN A 387 25.73 9.38 11.99
C ASN A 387 26.07 9.16 10.52
N LEU A 388 27.37 9.07 10.17
CA LEU A 388 27.80 8.87 8.80
C LEU A 388 27.23 7.56 8.26
N VAL A 389 27.39 6.45 9.01
CA VAL A 389 26.90 5.13 8.58
C VAL A 389 25.38 5.15 8.42
N TYR A 390 24.64 5.65 9.42
CA TYR A 390 23.19 5.74 9.40
C TYR A 390 22.68 6.50 8.18
N TRP A 391 23.17 7.74 7.95
CA TRP A 391 22.58 8.64 6.96
C TRP A 391 22.96 8.18 5.55
N LEU A 392 24.05 7.42 5.39
CA LEU A 392 24.39 6.86 4.09
C LEU A 392 23.49 5.65 3.77
N TYR A 393 23.20 4.79 4.77
CA TYR A 393 22.35 3.63 4.62
C TYR A 393 20.90 4.00 4.26
N TYR A 394 20.35 5.10 4.82
CA TYR A 394 18.94 5.45 4.71
C TYR A 394 18.66 6.60 3.73
N VAL A 395 19.65 7.42 3.37
CA VAL A 395 19.51 8.36 2.25
C VAL A 395 20.36 7.80 1.10
N GLN B 1 7.29 -4.91 -8.86
CA GLN B 1 8.44 -5.54 -9.58
C GLN B 1 9.06 -6.63 -8.69
N VAL B 2 8.66 -7.89 -8.93
CA VAL B 2 9.09 -9.06 -8.17
C VAL B 2 9.74 -10.05 -9.15
N GLN B 3 10.84 -10.71 -8.71
CA GLN B 3 11.52 -11.77 -9.45
C GLN B 3 11.45 -13.06 -8.62
N LEU B 4 11.17 -14.20 -9.28
CA LEU B 4 10.90 -15.48 -8.64
C LEU B 4 11.73 -16.58 -9.31
N VAL B 5 12.55 -17.30 -8.51
CA VAL B 5 13.36 -18.43 -8.96
C VAL B 5 12.98 -19.64 -8.08
N GLU B 6 12.61 -20.77 -8.71
CA GLU B 6 12.20 -21.99 -8.00
C GLU B 6 13.19 -23.12 -8.31
N SER B 7 13.38 -24.04 -7.33
CA SER B 7 14.33 -25.14 -7.42
C SER B 7 13.92 -26.29 -6.49
N GLY B 8 14.46 -27.50 -6.73
CA GLY B 8 14.22 -28.69 -5.92
C GLY B 8 13.07 -29.55 -6.47
N GLY B 9 13.02 -29.73 -7.81
CA GLY B 9 12.06 -30.58 -8.49
C GLY B 9 12.66 -31.95 -8.78
N GLY B 10 13.10 -32.17 -10.04
CA GLY B 10 13.80 -33.39 -10.43
C GLY B 10 12.85 -34.57 -10.63
N LEU B 11 13.45 -35.78 -10.76
CA LEU B 11 12.74 -37.02 -11.05
C LEU B 11 13.02 -38.03 -9.92
N VAL B 12 11.94 -38.62 -9.35
CA VAL B 12 12.00 -39.60 -8.26
C VAL B 12 11.03 -40.74 -8.60
N GLN B 13 11.00 -41.81 -7.76
CA GLN B 13 10.06 -42.92 -7.91
C GLN B 13 8.71 -42.53 -7.30
N GLY B 403 7.84 -41.29 -1.63
CA GLY B 403 9.03 -40.44 -1.46
C GLY B 403 8.67 -38.99 -1.10
N SER B 404 9.55 -38.33 -0.31
CA SER B 404 9.37 -36.96 0.15
C SER B 404 10.30 -36.03 -0.65
N LEU B 405 9.78 -34.83 -1.03
CA LEU B 405 10.50 -33.84 -1.82
C LEU B 405 10.20 -32.43 -1.27
N ARG B 406 11.12 -31.47 -1.51
CA ARG B 406 10.98 -30.08 -1.13
C ARG B 406 11.33 -29.17 -2.32
N LEU B 407 10.29 -28.70 -3.04
CA LEU B 407 10.39 -27.53 -3.92
C LEU B 407 10.57 -26.27 -3.08
N SER B 408 11.36 -25.30 -3.59
CA SER B 408 11.57 -23.99 -3.00
C SER B 408 11.33 -22.90 -4.06
N CYS B 409 11.01 -21.67 -3.62
CA CYS B 409 10.70 -20.52 -4.46
C CYS B 409 11.24 -19.25 -3.77
N ALA B 410 12.25 -18.61 -4.40
CA ALA B 410 12.98 -17.49 -3.82
C ALA B 410 12.55 -16.20 -4.52
N ALA B 411 12.09 -15.22 -3.73
CA ALA B 411 11.59 -13.93 -4.22
C ALA B 411 12.63 -12.83 -3.98
N SER B 412 12.57 -11.77 -4.81
CA SER B 412 13.32 -10.53 -4.62
C SER B 412 12.57 -9.35 -5.26
N GLY B 413 12.63 -8.17 -4.61
CA GLY B 413 12.02 -6.93 -5.09
C GLY B 413 10.92 -6.42 -4.15
N HIS B 414 9.89 -5.75 -4.72
CA HIS B 414 8.78 -5.17 -3.98
C HIS B 414 7.79 -6.28 -3.57
N THR B 415 8.13 -7.03 -2.51
CA THR B 415 7.29 -8.12 -2.00
C THR B 415 6.21 -7.61 -1.03
N PHE B 416 6.29 -6.33 -0.57
CA PHE B 416 5.27 -5.74 0.30
C PHE B 416 3.94 -5.54 -0.44
N ASN B 417 4.01 -5.09 -1.71
CA ASN B 417 2.84 -4.91 -2.57
C ASN B 417 2.21 -6.25 -3.01
N TYR B 418 2.94 -7.38 -2.88
CA TYR B 418 2.50 -8.71 -3.30
C TYR B 418 2.54 -9.62 -2.08
N PRO B 419 1.59 -9.50 -1.10
CA PRO B 419 1.73 -10.21 0.17
C PRO B 419 1.55 -11.73 0.09
N ILE B 420 0.99 -12.25 -1.02
CA ILE B 420 0.65 -13.66 -1.18
C ILE B 420 1.55 -14.27 -2.27
N MET B 421 2.06 -15.48 -1.97
CA MET B 421 2.71 -16.36 -2.92
C MET B 421 1.84 -17.58 -3.15
N GLY B 422 1.70 -18.03 -4.42
CA GLY B 422 0.85 -19.14 -4.80
C GLY B 422 1.62 -20.20 -5.60
N TRP B 423 1.30 -21.48 -5.35
CA TRP B 423 1.79 -22.61 -6.12
C TRP B 423 0.69 -23.10 -7.06
N PHE B 424 1.04 -23.22 -8.36
CA PHE B 424 0.18 -23.79 -9.39
C PHE B 424 0.88 -25.00 -10.00
N ARG B 425 0.12 -25.82 -10.76
CA ARG B 425 0.68 -26.92 -11.55
C ARG B 425 -0.15 -27.08 -12.83
N GLN B 426 0.52 -27.34 -13.98
CA GLN B 426 -0.13 -27.51 -15.28
C GLN B 426 0.28 -28.88 -15.83
N ALA B 427 -0.68 -29.83 -15.87
CA ALA B 427 -0.50 -31.14 -16.49
C ALA B 427 -0.56 -31.00 -18.02
N PRO B 428 0.05 -31.89 -18.86
CA PRO B 428 -0.07 -31.78 -20.32
C PRO B 428 -1.51 -31.89 -20.80
N GLY B 429 -2.00 -30.83 -21.49
CA GLY B 429 -3.37 -30.75 -22.00
C GLY B 429 -4.32 -29.93 -21.11
N LYS B 430 -4.25 -30.15 -19.78
CA LYS B 430 -5.19 -29.60 -18.82
C LYS B 430 -4.86 -28.12 -18.53
N GLU B 431 -5.84 -27.41 -17.93
CA GLU B 431 -5.71 -26.00 -17.53
C GLU B 431 -4.83 -25.89 -16.29
N ARG B 432 -4.25 -24.69 -16.05
CA ARG B 432 -3.38 -24.40 -14.91
C ARG B 432 -4.23 -24.41 -13.62
N GLU B 433 -3.71 -25.11 -12.58
CA GLU B 433 -4.47 -25.64 -11.46
C GLU B 433 -3.82 -25.19 -10.15
N PHE B 434 -4.63 -24.70 -9.20
CA PHE B 434 -4.17 -24.23 -7.89
C PHE B 434 -3.74 -25.41 -7.01
N VAL B 435 -2.59 -25.24 -6.32
CA VAL B 435 -2.04 -26.21 -5.38
C VAL B 435 -2.20 -25.65 -3.96
N GLY B 436 -1.62 -24.46 -3.71
CA GLY B 436 -1.72 -23.80 -2.42
C GLY B 436 -1.11 -22.40 -2.46
N ALA B 437 -1.29 -21.64 -1.37
CA ALA B 437 -0.82 -20.27 -1.28
C ALA B 437 -0.46 -19.92 0.17
N ILE B 438 0.49 -18.98 0.35
CA ILE B 438 0.97 -18.55 1.65
C ILE B 438 1.13 -17.02 1.66
N SER B 439 0.72 -16.39 2.77
CA SER B 439 1.06 -15.00 3.06
C SER B 439 2.50 -14.93 3.58
N TRP B 440 3.31 -13.99 3.04
CA TRP B 440 4.63 -13.63 3.57
C TRP B 440 4.56 -13.26 5.06
N SER B 441 3.62 -12.36 5.42
CA SER B 441 3.41 -11.88 6.79
C SER B 441 2.25 -12.66 7.42
N GLY B 442 2.53 -13.43 8.49
CA GLY B 442 1.54 -14.24 9.19
C GLY B 442 1.66 -15.74 8.91
N GLY B 443 2.03 -16.13 7.67
CA GLY B 443 2.12 -17.52 7.26
C GLY B 443 0.75 -18.19 7.10
N SER B 444 -0.31 -17.40 6.82
CA SER B 444 -1.66 -17.93 6.65
C SER B 444 -1.72 -18.71 5.33
N THR B 445 -2.13 -19.99 5.42
CA THR B 445 -1.92 -20.99 4.38
C THR B 445 -3.28 -21.51 3.89
N SER B 446 -3.34 -21.94 2.62
CA SER B 446 -4.50 -22.58 2.03
C SER B 446 -4.02 -23.64 1.03
N TYR B 447 -4.82 -24.70 0.81
CA TYR B 447 -4.49 -25.82 -0.06
C TYR B 447 -5.71 -26.21 -0.89
N ALA B 448 -5.46 -26.72 -2.12
CA ALA B 448 -6.46 -27.49 -2.86
C ALA B 448 -6.76 -28.80 -2.13
N ASP B 449 -7.97 -29.36 -2.34
CA ASP B 449 -8.42 -30.59 -1.71
C ASP B 449 -7.49 -31.77 -2.05
N SER B 450 -7.10 -31.89 -3.34
CA SER B 450 -6.24 -32.96 -3.85
C SER B 450 -4.97 -33.15 -3.01
N VAL B 451 -4.33 -32.05 -2.58
CA VAL B 451 -3.04 -32.04 -1.88
C VAL B 451 -3.22 -31.78 -0.37
N LYS B 452 -4.47 -31.65 0.11
CA LYS B 452 -4.78 -31.41 1.53
C LYS B 452 -4.36 -32.66 2.33
N ASP B 453 -3.56 -32.43 3.40
CA ASP B 453 -2.97 -33.45 4.26
C ASP B 453 -1.98 -34.35 3.47
N ARG B 454 -1.23 -33.75 2.51
CA ARG B 454 -0.12 -34.39 1.81
C ARG B 454 1.00 -33.37 1.65
N PHE B 455 0.77 -32.29 0.87
CA PHE B 455 1.74 -31.24 0.64
C PHE B 455 1.65 -30.24 1.80
N THR B 456 2.75 -29.54 2.10
CA THR B 456 2.80 -28.46 3.08
C THR B 456 3.69 -27.34 2.54
N ILE B 457 3.18 -26.08 2.60
CA ILE B 457 3.90 -24.89 2.20
C ILE B 457 4.29 -24.15 3.49
N SER B 458 5.55 -23.66 3.57
CA SER B 458 5.87 -22.51 4.41
C SER B 458 7.00 -21.66 3.81
N ARG B 459 7.42 -20.59 4.53
CA ARG B 459 8.39 -19.60 4.06
C ARG B 459 9.37 -19.20 5.18
N ASP B 460 10.42 -18.45 4.79
CA ASP B 460 11.23 -17.65 5.72
C ASP B 460 11.48 -16.26 5.11
N ASN B 461 11.10 -15.19 5.84
CA ASN B 461 11.18 -13.82 5.38
C ASN B 461 12.62 -13.30 5.34
N ALA B 462 13.55 -13.93 6.09
CA ALA B 462 14.96 -13.57 6.09
C ALA B 462 15.60 -13.77 4.71
N LYS B 463 15.40 -14.96 4.09
CA LYS B 463 15.95 -15.28 2.77
C LYS B 463 15.03 -14.79 1.64
N ASN B 464 13.77 -14.41 1.94
CA ASN B 464 12.71 -14.12 0.97
C ASN B 464 12.49 -15.37 0.11
N THR B 465 12.08 -16.46 0.78
CA THR B 465 11.96 -17.80 0.21
C THR B 465 10.65 -18.44 0.69
N VAL B 466 9.92 -19.11 -0.23
CA VAL B 466 8.76 -19.96 0.05
C VAL B 466 9.10 -21.37 -0.45
N TYR B 467 8.61 -22.41 0.24
CA TYR B 467 8.89 -23.81 -0.12
C TYR B 467 7.60 -24.64 -0.10
N LEU B 468 7.43 -25.52 -1.12
CA LEU B 468 6.40 -26.55 -1.20
C LEU B 468 7.03 -27.91 -0.88
N GLU B 469 6.69 -28.48 0.29
CA GLU B 469 7.19 -29.78 0.75
C GLU B 469 6.25 -30.89 0.29
N MET B 470 6.59 -31.54 -0.84
CA MET B 470 5.71 -32.51 -1.51
C MET B 470 5.97 -33.91 -0.96
N ASN B 471 5.20 -34.30 0.08
CA ASN B 471 5.24 -35.61 0.72
C ASN B 471 4.07 -36.47 0.22
N ASN B 472 4.25 -37.81 0.21
CA ASN B 472 3.24 -38.82 -0.08
C ASN B 472 2.78 -38.69 -1.55
N LEU B 473 3.76 -38.66 -2.48
CA LEU B 473 3.54 -38.34 -3.89
C LEU B 473 2.77 -39.46 -4.59
N LYS B 474 2.14 -39.11 -5.74
CA LYS B 474 1.25 -39.97 -6.50
C LYS B 474 1.47 -39.77 -8.00
N PRO B 475 1.13 -40.71 -8.93
CA PRO B 475 1.28 -40.45 -10.38
C PRO B 475 0.32 -39.41 -11.00
N GLU B 476 -0.71 -38.97 -10.23
CA GLU B 476 -1.51 -37.79 -10.55
C GLU B 476 -0.72 -36.49 -10.40
N ASP B 477 0.35 -36.46 -9.57
CA ASP B 477 1.12 -35.26 -9.24
C ASP B 477 2.24 -35.05 -10.27
N THR B 478 1.89 -35.02 -11.58
CA THR B 478 2.83 -35.03 -12.69
C THR B 478 2.51 -33.86 -13.62
N ALA B 479 3.23 -32.73 -13.45
CA ALA B 479 2.88 -31.44 -14.03
C ALA B 479 4.07 -30.47 -13.97
N VAL B 480 4.00 -29.36 -14.74
CA VAL B 480 4.92 -28.23 -14.64
C VAL B 480 4.43 -27.38 -13.47
N TYR B 481 5.16 -27.40 -12.33
CA TYR B 481 4.82 -26.66 -11.11
C TYR B 481 5.41 -25.24 -11.20
N TYR B 482 4.53 -24.21 -11.11
CA TYR B 482 4.90 -22.80 -11.18
C TYR B 482 4.62 -22.10 -9.84
N CYS B 483 5.46 -21.09 -9.53
CA CYS B 483 5.35 -20.19 -8.39
C CYS B 483 4.87 -18.82 -8.89
N ALA B 484 4.03 -18.10 -8.10
CA ALA B 484 3.48 -16.81 -8.52
C ALA B 484 3.12 -15.91 -7.34
N ALA B 485 3.12 -14.57 -7.59
CA ALA B 485 2.82 -13.55 -6.59
C ALA B 485 1.49 -12.84 -6.93
N LYS B 486 0.64 -12.61 -5.89
CA LYS B 486 -0.65 -11.95 -6.05
C LYS B 486 -0.62 -10.60 -5.31
N GLY B 487 -1.13 -9.53 -5.97
CA GLY B 487 -1.28 -8.22 -5.34
C GLY B 487 -2.36 -8.19 -4.26
N ARG B 488 -2.32 -7.14 -3.42
CA ARG B 488 -3.15 -6.98 -2.23
C ARG B 488 -4.65 -7.05 -2.55
N TYR B 489 -5.10 -6.41 -3.65
CA TYR B 489 -6.52 -6.29 -3.97
C TYR B 489 -6.89 -7.13 -5.21
N SER B 490 -6.14 -8.19 -5.54
CA SER B 490 -6.18 -8.78 -6.87
C SER B 490 -7.18 -9.93 -7.02
N GLY B 491 -7.99 -10.24 -6.00
CA GLY B 491 -9.12 -11.18 -6.13
C GLY B 491 -8.90 -12.47 -5.35
N GLY B 492 -9.65 -13.52 -5.72
CA GLY B 492 -9.58 -14.82 -5.08
C GLY B 492 -8.23 -15.53 -5.30
N LEU B 493 -7.82 -16.35 -4.32
CA LEU B 493 -6.58 -17.12 -4.33
C LEU B 493 -6.50 -18.11 -5.49
N TYR B 494 -7.63 -18.67 -5.93
CA TYR B 494 -7.65 -19.91 -6.70
C TYR B 494 -7.40 -19.67 -8.19
N TYR B 495 -7.43 -18.39 -8.65
CA TYR B 495 -7.60 -18.06 -10.06
C TYR B 495 -6.25 -17.57 -10.59
N PRO B 496 -5.55 -18.32 -11.49
CA PRO B 496 -4.18 -17.95 -11.89
C PRO B 496 -4.04 -16.57 -12.54
N THR B 497 -5.08 -16.08 -13.25
CA THR B 497 -5.02 -14.77 -13.89
C THR B 497 -5.01 -13.60 -12.89
N ASN B 498 -5.35 -13.84 -11.61
CA ASN B 498 -5.14 -12.86 -10.55
C ASN B 498 -3.67 -12.63 -10.18
N TYR B 499 -2.73 -13.51 -10.60
CA TYR B 499 -1.33 -13.46 -10.19
C TYR B 499 -0.49 -12.81 -11.29
N ASP B 500 0.58 -12.08 -10.90
CA ASP B 500 1.30 -11.19 -11.79
C ASP B 500 2.70 -11.66 -12.15
N TYR B 501 3.49 -12.16 -11.17
CA TYR B 501 4.88 -12.53 -11.39
C TYR B 501 4.94 -14.06 -11.32
N TRP B 502 5.30 -14.69 -12.46
CA TRP B 502 5.33 -16.14 -12.61
C TRP B 502 6.80 -16.60 -12.69
N GLY B 503 7.16 -17.63 -11.90
CA GLY B 503 8.45 -18.29 -12.03
C GLY B 503 8.55 -19.07 -13.35
N GLN B 504 9.73 -19.70 -13.56
CA GLN B 504 10.08 -20.39 -14.80
C GLN B 504 9.18 -21.61 -15.01
N GLY B 505 9.08 -22.48 -13.97
CA GLY B 505 8.23 -23.68 -14.00
C GLY B 505 9.05 -24.96 -14.03
N THR B 506 9.16 -25.64 -12.87
CA THR B 506 9.87 -26.92 -12.73
C THR B 506 8.96 -28.07 -13.17
N GLN B 507 9.43 -28.91 -14.11
CA GLN B 507 8.75 -30.16 -14.48
C GLN B 507 9.05 -31.22 -13.41
N VAL B 508 8.01 -31.96 -12.98
CA VAL B 508 8.11 -33.03 -12.00
C VAL B 508 7.35 -34.25 -12.54
N THR B 509 8.05 -35.40 -12.66
CA THR B 509 7.48 -36.69 -13.07
C THR B 509 7.83 -37.74 -12.01
N VAL B 510 6.91 -38.70 -11.78
CA VAL B 510 7.07 -39.77 -10.79
C VAL B 510 6.53 -41.08 -11.39
#